data_4OKU
#
_entry.id   4OKU
#
_cell.length_a   87.434
_cell.length_b   159.321
_cell.length_c   41.305
_cell.angle_alpha   90.00
_cell.angle_beta   90.00
_cell.angle_gamma   90.00
#
_symmetry.space_group_name_H-M   'P 21 21 21'
#
loop_
_entity.id
_entity.type
_entity.pdbx_description
1 polymer 'Micronemal protein MIC2'
2 non-polymer alpha-D-mannopyranose
#
_entity_poly.entity_id   1
_entity_poly.type   'polypeptide(L)'
_entity_poly.pdbx_seq_one_letter_code
;SIVDALRKRYDTSRGGDANGVDTSGVEDVIQSDSAIGAAEGCTNQLDICFLIDSSGSIGIQNFRLVKQFLHTFLMVLPIG
PEEVNNAVVTYSTDVHLQWDLQSPNAVDKQLAAHAVLEMPYKKGSTNTADGLKACKQILFTGSRPGREHVPKLVIGMTDG
ESDSDFRTVRAAKEIRELGGIVTVLAVGHYVKHSECRSMCGCSGTSDDDSPCPLYLRADWGQLATAIKPMLKEVCKTLPQ
DAICSDWSAWSPCSVSCGDGSQIRTRTEVSAPQPGTPTCPDCPAPMGRTCVEQGGLEEIRECSAGVCAHHHHHHA
;
_entity_poly.pdbx_strand_id   A,B
#
loop_
_chem_comp.id
_chem_comp.type
_chem_comp.name
_chem_comp.formula
MAN D-saccharide, alpha linking alpha-D-mannopyranose 'C6 H12 O6'
#
# COMPACT_ATOMS: atom_id res chain seq x y z
N ASP A 33 -10.73 4.04 0.66
CA ASP A 33 -9.37 3.58 0.44
C ASP A 33 -9.11 3.33 -1.04
N SER A 34 -9.61 4.22 -1.88
CA SER A 34 -9.45 4.08 -3.32
C SER A 34 -9.22 5.42 -3.99
N ALA A 35 -9.10 5.41 -5.31
CA ALA A 35 -8.88 6.62 -6.08
C ALA A 35 -9.44 6.47 -7.49
N ILE A 36 -9.33 5.28 -8.05
CA ILE A 36 -9.80 5.01 -9.41
C ILE A 36 -10.62 3.73 -9.47
N GLY A 37 -10.86 3.11 -8.31
CA GLY A 37 -11.59 1.86 -8.27
C GLY A 37 -12.56 1.71 -7.11
N ALA A 38 -13.17 0.53 -7.04
CA ALA A 38 -14.05 0.14 -5.94
C ALA A 38 -15.27 1.05 -5.76
N ALA A 39 -15.48 1.50 -4.54
CA ALA A 39 -16.71 2.17 -4.13
C ALA A 39 -16.93 3.54 -4.80
N GLU A 40 -15.86 4.14 -5.29
CA GLU A 40 -15.93 5.51 -5.81
C GLU A 40 -16.93 5.65 -6.97
N GLY A 41 -17.05 4.60 -7.77
CA GLY A 41 -18.02 4.59 -8.86
C GLY A 41 -17.54 3.89 -10.11
N CYS A 42 -16.48 3.10 -9.97
CA CYS A 42 -15.91 2.38 -11.12
C CYS A 42 -15.10 1.15 -10.70
N THR A 43 -15.05 0.18 -11.61
CA THR A 43 -14.50 -1.15 -11.35
C THR A 43 -12.99 -1.22 -11.13
N ASN A 44 -12.57 -2.19 -10.33
CA ASN A 44 -11.16 -2.43 -10.07
C ASN A 44 -10.50 -3.19 -11.21
N GLN A 45 -11.22 -4.15 -11.78
CA GLN A 45 -10.70 -4.93 -12.90
C GLN A 45 -10.54 -4.06 -14.13
N LEU A 46 -9.28 -3.85 -14.53
CA LEU A 46 -8.97 -2.93 -15.61
C LEU A 46 -7.55 -3.13 -16.10
N ASP A 47 -7.36 -3.04 -17.41
CA ASP A 47 -6.04 -3.16 -18.02
C ASP A 47 -5.62 -1.84 -18.64
N ILE A 48 -4.35 -1.48 -18.43
CA ILE A 48 -3.84 -0.21 -18.95
C ILE A 48 -2.64 -0.39 -19.85
N CYS A 49 -2.69 0.20 -21.03
CA CYS A 49 -1.51 0.28 -21.89
C CYS A 49 -0.97 1.71 -21.87
N PHE A 50 0.15 1.89 -21.19
CA PHE A 50 0.80 3.18 -21.15
C PHE A 50 1.59 3.40 -22.44
N LEU A 51 1.20 4.41 -23.21
CA LEU A 51 1.87 4.70 -24.47
C LEU A 51 2.62 6.02 -24.34
N ILE A 52 3.94 5.94 -24.23
CA ILE A 52 4.74 7.12 -23.95
C ILE A 52 5.62 7.51 -25.13
N ASP A 53 5.48 8.77 -25.55
CA ASP A 53 6.27 9.30 -26.65
C ASP A 53 7.71 9.51 -26.22
N SER A 54 8.65 9.02 -27.01
CA SER A 54 10.06 9.13 -26.70
C SER A 54 10.83 9.82 -27.82
N SER A 55 10.12 10.60 -28.61
CA SER A 55 10.71 11.31 -29.74
C SER A 55 11.71 12.37 -29.28
N GLY A 56 12.45 12.93 -30.24
CA GLY A 56 13.41 13.98 -29.95
C GLY A 56 12.78 15.32 -29.65
N SER A 57 11.48 15.44 -29.90
CA SER A 57 10.77 16.70 -29.71
C SER A 57 10.45 17.00 -28.24
N ILE A 58 10.61 16.01 -27.36
CA ILE A 58 10.42 16.22 -25.93
C ILE A 58 11.73 16.56 -25.24
N GLY A 59 12.83 16.06 -25.80
CA GLY A 59 14.13 16.19 -25.17
C GLY A 59 14.30 15.18 -24.06
N ILE A 60 15.54 14.94 -23.66
CA ILE A 60 15.82 13.95 -22.62
C ILE A 60 15.64 14.52 -21.22
N GLN A 61 15.71 15.85 -21.09
CA GLN A 61 15.53 16.51 -19.81
C GLN A 61 14.12 16.33 -19.27
N ASN A 62 13.12 16.58 -20.12
CA ASN A 62 11.73 16.47 -19.73
C ASN A 62 11.28 15.02 -19.64
N PHE A 63 12.00 14.14 -20.33
CA PHE A 63 11.68 12.72 -20.35
C PHE A 63 11.91 12.11 -18.97
N ARG A 64 12.83 12.70 -18.21
CA ARG A 64 13.11 12.21 -16.86
C ARG A 64 11.95 12.50 -15.93
N LEU A 65 11.30 13.64 -16.13
CA LEU A 65 10.13 14.01 -15.34
C LEU A 65 8.92 13.15 -15.70
N VAL A 66 8.93 12.62 -16.92
CA VAL A 66 7.85 11.73 -17.37
C VAL A 66 7.91 10.41 -16.61
N LYS A 67 9.12 9.91 -16.40
CA LYS A 67 9.30 8.68 -15.64
C LYS A 67 8.94 8.89 -14.17
N GLN A 68 9.26 10.07 -13.65
CA GLN A 68 8.86 10.44 -12.30
C GLN A 68 7.36 10.57 -12.21
N PHE A 69 6.75 10.99 -13.32
CA PHE A 69 5.30 11.14 -13.41
C PHE A 69 4.63 9.77 -13.33
N LEU A 70 5.15 8.82 -14.11
CA LEU A 70 4.59 7.47 -14.16
C LEU A 70 4.85 6.69 -12.87
N HIS A 71 5.98 6.98 -12.23
CA HIS A 71 6.34 6.34 -10.96
C HIS A 71 5.28 6.55 -9.89
N THR A 72 4.96 7.81 -9.61
CA THR A 72 3.96 8.15 -8.61
C THR A 72 2.55 7.79 -9.10
N PHE A 73 2.42 7.65 -10.41
CA PHE A 73 1.13 7.26 -11.00
C PHE A 73 0.77 5.83 -10.65
N LEU A 74 1.72 4.92 -10.84
CA LEU A 74 1.49 3.51 -10.55
C LEU A 74 1.33 3.25 -9.05
N MET A 75 1.90 4.14 -8.24
CA MET A 75 1.78 4.05 -6.80
C MET A 75 0.32 4.20 -6.36
N VAL A 76 -0.41 5.03 -7.10
CA VAL A 76 -1.80 5.30 -6.80
C VAL A 76 -2.72 4.16 -7.23
N LEU A 77 -2.54 3.72 -8.47
CA LEU A 77 -3.36 2.66 -9.05
C LEU A 77 -3.30 1.37 -8.25
N PRO A 78 -4.47 0.80 -7.93
CA PRO A 78 -4.56 -0.47 -7.21
C PRO A 78 -4.14 -1.66 -8.07
N ILE A 79 -2.83 -1.75 -8.34
CA ILE A 79 -2.31 -2.79 -9.21
C ILE A 79 -2.22 -4.14 -8.49
N GLY A 80 -3.05 -5.09 -8.93
CA GLY A 80 -3.06 -6.42 -8.37
C GLY A 80 -3.39 -7.46 -9.41
N PRO A 81 -3.28 -8.74 -9.05
CA PRO A 81 -3.56 -9.84 -9.98
C PRO A 81 -5.04 -9.92 -10.37
N GLU A 82 -5.93 -9.65 -9.42
CA GLU A 82 -7.36 -9.67 -9.69
C GLU A 82 -7.94 -8.26 -9.72
N GLU A 83 -7.05 -7.26 -9.72
CA GLU A 83 -7.49 -5.87 -9.76
C GLU A 83 -7.03 -5.17 -11.03
N VAL A 84 -6.01 -4.33 -10.94
CA VAL A 84 -5.54 -3.58 -12.08
C VAL A 84 -4.24 -4.15 -12.65
N ASN A 85 -4.24 -4.42 -13.95
CA ASN A 85 -3.02 -4.80 -14.65
C ASN A 85 -2.54 -3.68 -15.55
N ASN A 86 -1.23 -3.56 -15.70
CA ASN A 86 -0.66 -2.46 -16.48
C ASN A 86 0.33 -2.95 -17.53
N ALA A 87 0.42 -2.20 -18.62
CA ALA A 87 1.38 -2.49 -19.68
C ALA A 87 1.96 -1.20 -20.18
N VAL A 88 3.28 -1.18 -20.40
CA VAL A 88 3.96 0.04 -20.81
C VAL A 88 4.66 -0.14 -22.15
N VAL A 89 4.40 0.79 -23.07
CA VAL A 89 5.04 0.78 -24.37
C VAL A 89 5.55 2.18 -24.69
N THR A 90 6.84 2.26 -25.01
CA THR A 90 7.44 3.52 -25.44
C THR A 90 7.59 3.50 -26.95
N TYR A 91 7.69 4.69 -27.55
CA TYR A 91 7.81 4.77 -28.99
C TYR A 91 8.48 6.05 -29.46
N SER A 92 9.20 5.94 -30.57
CA SER A 92 9.83 7.08 -31.21
C SER A 92 9.71 6.93 -32.73
N THR A 93 10.80 6.48 -33.35
CA THR A 93 10.78 6.13 -34.76
C THR A 93 10.12 4.77 -34.93
N ASP A 94 10.37 3.88 -33.98
CA ASP A 94 9.77 2.54 -33.99
C ASP A 94 9.02 2.29 -32.70
N VAL A 95 8.57 1.04 -32.51
CA VAL A 95 7.82 0.68 -31.32
C VAL A 95 8.72 -0.08 -30.36
N HIS A 96 8.70 0.32 -29.10
CA HIS A 96 9.55 -0.32 -28.10
C HIS A 96 8.70 -0.78 -26.92
N LEU A 97 8.41 -2.07 -26.88
CA LEU A 97 7.63 -2.65 -25.80
C LEU A 97 8.50 -2.82 -24.56
N GLN A 98 8.01 -2.36 -23.41
CA GLN A 98 8.70 -2.57 -22.15
C GLN A 98 8.27 -3.89 -21.54
N TRP A 99 6.97 -4.00 -21.24
CA TRP A 99 6.40 -5.27 -20.78
C TRP A 99 4.90 -5.31 -21.05
N ASP A 100 4.40 -6.50 -21.38
CA ASP A 100 2.99 -6.69 -21.64
C ASP A 100 2.22 -7.03 -20.36
N LEU A 101 1.02 -7.58 -20.53
CA LEU A 101 0.15 -7.90 -19.40
C LEU A 101 0.55 -9.22 -18.75
N GLN A 102 1.17 -10.09 -19.53
CA GLN A 102 1.58 -11.40 -19.03
C GLN A 102 2.91 -11.31 -18.26
N SER A 103 3.48 -10.11 -18.24
CA SER A 103 4.71 -9.85 -17.50
C SER A 103 4.45 -9.74 -16.00
N PRO A 104 5.44 -10.14 -15.17
CA PRO A 104 5.32 -10.03 -13.72
C PRO A 104 5.14 -8.60 -13.22
N ASN A 105 5.59 -7.63 -14.01
CA ASN A 105 5.45 -6.23 -13.67
C ASN A 105 3.98 -5.77 -13.71
N ALA A 106 3.20 -6.44 -14.55
CA ALA A 106 1.81 -6.06 -14.79
C ALA A 106 0.93 -6.23 -13.55
N VAL A 107 1.32 -7.12 -12.65
CA VAL A 107 0.50 -7.43 -11.49
C VAL A 107 1.10 -6.92 -10.18
N ASP A 108 2.36 -6.53 -10.21
CA ASP A 108 3.02 -6.02 -9.02
C ASP A 108 3.27 -4.52 -9.11
N LYS A 109 2.84 -3.79 -8.07
CA LYS A 109 2.98 -2.35 -8.03
C LYS A 109 4.43 -1.92 -7.85
N GLN A 110 5.08 -2.48 -6.84
CA GLN A 110 6.46 -2.14 -6.51
C GLN A 110 7.44 -2.49 -7.62
N LEU A 111 7.15 -3.57 -8.35
CA LEU A 111 8.00 -3.98 -9.46
C LEU A 111 7.85 -3.02 -10.65
N ALA A 112 6.61 -2.70 -10.99
CA ALA A 112 6.33 -1.82 -12.12
C ALA A 112 6.84 -0.40 -11.84
N ALA A 113 6.67 0.07 -10.61
CA ALA A 113 7.08 1.41 -10.25
C ALA A 113 8.59 1.55 -10.30
N HIS A 114 9.29 0.48 -9.95
CA HIS A 114 10.74 0.44 -10.00
C HIS A 114 11.25 0.30 -11.44
N ALA A 115 10.48 -0.40 -12.25
CA ALA A 115 10.86 -0.69 -13.63
C ALA A 115 10.76 0.53 -14.55
N VAL A 116 9.78 1.39 -14.26
CA VAL A 116 9.56 2.59 -15.07
C VAL A 116 10.71 3.58 -14.92
N LEU A 117 11.36 3.54 -13.76
CA LEU A 117 12.49 4.42 -13.47
C LEU A 117 13.72 4.03 -14.27
N GLU A 118 13.71 2.81 -14.82
CA GLU A 118 14.86 2.29 -15.55
C GLU A 118 14.63 2.19 -17.06
N MET A 119 13.72 3.02 -17.59
CA MET A 119 13.42 2.99 -19.02
C MET A 119 14.34 3.90 -19.83
N PRO A 120 14.86 3.39 -20.96
CA PRO A 120 15.82 4.11 -21.81
C PRO A 120 15.18 5.17 -22.70
N TYR A 121 16.01 6.03 -23.31
CA TYR A 121 15.53 7.08 -24.20
C TYR A 121 16.12 6.94 -25.61
N LYS A 122 15.25 6.90 -26.61
CA LYS A 122 15.65 6.76 -28.01
C LYS A 122 15.11 7.87 -28.91
N LYS A 123 16.00 8.72 -29.41
CA LYS A 123 15.59 9.84 -30.27
C LYS A 123 15.04 9.35 -31.60
N GLY A 124 14.56 10.29 -32.40
CA GLY A 124 14.03 9.97 -33.71
C GLY A 124 12.70 10.65 -34.01
N SER A 125 11.94 10.05 -34.93
CA SER A 125 10.64 10.57 -35.32
C SER A 125 9.57 10.27 -34.28
N THR A 126 8.31 10.43 -34.65
CA THR A 126 7.19 10.18 -33.74
C THR A 126 6.18 9.21 -34.34
N ASN A 127 6.31 7.93 -34.02
CA ASN A 127 5.41 6.92 -34.55
C ASN A 127 4.32 6.56 -33.55
N THR A 128 3.25 7.36 -33.54
CA THR A 128 2.14 7.13 -32.63
C THR A 128 1.23 6.04 -33.19
N ALA A 129 1.15 5.98 -34.52
CA ALA A 129 0.27 5.04 -35.22
C ALA A 129 0.51 3.59 -34.81
N ASP A 130 1.75 3.13 -34.98
CA ASP A 130 2.10 1.76 -34.64
C ASP A 130 2.16 1.58 -33.13
N GLY A 131 2.25 2.70 -32.41
CA GLY A 131 2.22 2.69 -30.96
C GLY A 131 0.84 2.30 -30.46
N LEU A 132 -0.19 2.88 -31.08
CA LEU A 132 -1.56 2.55 -30.76
C LEU A 132 -1.89 1.16 -31.27
N LYS A 133 -1.26 0.78 -32.38
CA LYS A 133 -1.41 -0.56 -32.94
C LYS A 133 -0.84 -1.58 -31.98
N ALA A 134 0.23 -1.19 -31.28
CA ALA A 134 0.89 -2.04 -30.30
C ALA A 134 0.04 -2.19 -29.04
N CYS A 135 -0.50 -1.08 -28.56
CA CYS A 135 -1.38 -1.09 -27.39
C CYS A 135 -2.64 -1.89 -27.63
N LYS A 136 -3.20 -1.78 -28.83
CA LYS A 136 -4.40 -2.52 -29.19
C LYS A 136 -4.16 -4.03 -29.10
N GLN A 137 -2.97 -4.46 -29.52
CA GLN A 137 -2.61 -5.87 -29.49
C GLN A 137 -2.47 -6.39 -28.06
N ILE A 138 -1.79 -5.63 -27.21
CA ILE A 138 -1.56 -6.06 -25.83
C ILE A 138 -2.87 -6.14 -25.04
N LEU A 139 -3.76 -5.19 -25.28
CA LEU A 139 -4.99 -5.12 -24.52
C LEU A 139 -6.00 -6.20 -24.93
N PHE A 140 -6.27 -6.30 -26.23
CA PHE A 140 -7.34 -7.16 -26.71
C PHE A 140 -6.86 -8.56 -27.12
N THR A 141 -5.57 -8.70 -27.39
CA THR A 141 -5.03 -9.99 -27.81
C THR A 141 -3.99 -10.55 -26.84
N GLY A 142 -3.51 -9.71 -25.93
CA GLY A 142 -2.45 -10.12 -25.03
C GLY A 142 -2.82 -10.12 -23.56
N SER A 143 -4.10 -10.24 -23.26
CA SER A 143 -4.59 -10.22 -21.88
C SER A 143 -4.24 -11.50 -21.13
N ARG A 144 -4.14 -11.38 -19.81
CA ARG A 144 -3.92 -12.54 -18.95
C ARG A 144 -5.14 -13.48 -19.04
N PRO A 145 -4.91 -14.80 -18.96
CA PRO A 145 -5.91 -15.82 -19.27
C PRO A 145 -7.27 -15.62 -18.62
N GLY A 146 -7.30 -15.10 -17.40
CA GLY A 146 -8.56 -14.85 -16.71
C GLY A 146 -9.43 -13.76 -17.30
N ARG A 147 -8.84 -12.60 -17.54
CA ARG A 147 -9.60 -11.41 -17.90
C ARG A 147 -9.25 -10.82 -19.26
N GLU A 148 -9.84 -11.34 -20.33
CA GLU A 148 -9.72 -10.69 -21.63
C GLU A 148 -10.76 -9.59 -21.85
N HIS A 149 -11.95 -9.74 -21.25
CA HIS A 149 -13.08 -8.84 -21.52
C HIS A 149 -13.17 -7.62 -20.60
N VAL A 150 -12.26 -7.51 -19.65
CA VAL A 150 -12.27 -6.38 -18.72
C VAL A 150 -11.99 -5.07 -19.47
N PRO A 151 -12.48 -3.95 -18.91
CA PRO A 151 -12.31 -2.64 -19.56
C PRO A 151 -10.86 -2.29 -19.90
N LYS A 152 -10.60 -2.07 -21.18
CA LYS A 152 -9.27 -1.72 -21.67
C LYS A 152 -9.07 -0.22 -21.70
N LEU A 153 -7.86 0.21 -21.37
CA LEU A 153 -7.57 1.64 -21.29
C LEU A 153 -6.19 1.97 -21.85
N VAL A 154 -6.13 2.99 -22.69
CA VAL A 154 -4.86 3.50 -23.19
C VAL A 154 -4.60 4.87 -22.60
N ILE A 155 -3.50 4.99 -21.86
CA ILE A 155 -3.10 6.28 -21.31
C ILE A 155 -1.87 6.79 -22.04
N GLY A 156 -2.09 7.56 -23.10
CA GLY A 156 -1.01 8.06 -23.92
C GLY A 156 -0.43 9.36 -23.40
N MET A 157 0.78 9.67 -23.83
CA MET A 157 1.45 10.90 -23.42
C MET A 157 2.24 11.47 -24.60
N THR A 158 1.77 12.60 -25.11
CA THR A 158 2.42 13.24 -26.24
C THR A 158 2.86 14.66 -25.90
N ASP A 159 3.53 15.30 -26.84
CA ASP A 159 4.01 16.67 -26.63
C ASP A 159 3.20 17.68 -27.45
N GLY A 160 3.89 18.51 -28.22
CA GLY A 160 3.24 19.44 -29.10
C GLY A 160 2.90 18.81 -30.44
N GLU A 161 3.45 17.63 -30.68
CA GLU A 161 3.22 16.89 -31.91
C GLU A 161 2.16 15.80 -31.74
N SER A 162 1.47 15.48 -32.83
CA SER A 162 0.48 14.41 -32.86
C SER A 162 -0.67 14.65 -31.89
N ASP A 163 -1.25 15.84 -31.94
CA ASP A 163 -2.42 16.16 -31.13
C ASP A 163 -3.66 15.45 -31.68
N SER A 164 -3.65 15.22 -32.99
CA SER A 164 -4.82 14.63 -33.65
C SER A 164 -4.64 13.14 -33.89
N ASP A 165 -3.41 12.65 -33.75
CA ASP A 165 -3.11 11.24 -33.98
C ASP A 165 -3.86 10.32 -33.03
N PHE A 166 -4.27 10.85 -31.89
CA PHE A 166 -5.06 10.07 -30.94
C PHE A 166 -6.54 10.10 -31.33
N ARG A 167 -6.82 10.62 -32.51
CA ARG A 167 -8.17 10.65 -33.07
C ARG A 167 -8.11 10.21 -34.53
N THR A 168 -6.92 10.28 -35.12
CA THR A 168 -6.73 10.02 -36.53
C THR A 168 -6.42 8.54 -36.81
N VAL A 169 -5.46 8.00 -36.07
CA VAL A 169 -5.01 6.62 -36.27
C VAL A 169 -6.16 5.63 -36.17
N ARG A 170 -6.26 4.76 -37.17
CA ARG A 170 -7.35 3.79 -37.25
C ARG A 170 -7.37 2.85 -36.05
N ALA A 171 -6.21 2.65 -35.43
CA ALA A 171 -6.11 1.81 -34.24
C ALA A 171 -6.92 2.42 -33.09
N ALA A 172 -6.84 3.74 -32.95
CA ALA A 172 -7.60 4.45 -31.93
C ALA A 172 -9.10 4.24 -32.14
N LYS A 173 -9.51 4.21 -33.41
CA LYS A 173 -10.91 3.99 -33.76
C LYS A 173 -11.33 2.57 -33.39
N GLU A 174 -10.47 1.61 -33.70
CA GLU A 174 -10.74 0.19 -33.48
C GLU A 174 -10.78 -0.21 -32.01
N ILE A 175 -10.06 0.52 -31.16
CA ILE A 175 -10.03 0.22 -29.75
C ILE A 175 -11.33 0.64 -29.07
N ARG A 176 -11.80 1.84 -29.41
CA ARG A 176 -13.00 2.40 -28.79
C ARG A 176 -14.26 1.58 -29.09
N GLU A 177 -14.36 1.06 -30.30
CA GLU A 177 -15.52 0.26 -30.67
C GLU A 177 -15.37 -1.21 -30.27
N LEU A 178 -14.44 -1.48 -29.37
CA LEU A 178 -14.31 -2.80 -28.76
C LEU A 178 -14.52 -2.72 -27.25
N GLY A 179 -14.93 -1.54 -26.79
CA GLY A 179 -15.09 -1.30 -25.37
C GLY A 179 -13.81 -0.76 -24.74
N GLY A 180 -12.91 -0.25 -25.58
CA GLY A 180 -11.66 0.29 -25.08
C GLY A 180 -11.74 1.78 -24.85
N ILE A 181 -10.84 2.28 -24.00
CA ILE A 181 -10.81 3.71 -23.65
C ILE A 181 -9.44 4.32 -23.92
N VAL A 182 -9.42 5.51 -24.50
CA VAL A 182 -8.17 6.17 -24.84
C VAL A 182 -8.04 7.52 -24.12
N THR A 183 -6.96 7.67 -23.36
CA THR A 183 -6.70 8.91 -22.63
C THR A 183 -5.41 9.57 -23.14
N VAL A 184 -5.46 10.88 -23.33
CA VAL A 184 -4.31 11.61 -23.87
C VAL A 184 -3.84 12.75 -22.97
N LEU A 185 -2.53 12.88 -22.80
CA LEU A 185 -1.97 14.00 -22.05
C LEU A 185 -0.94 14.77 -22.88
N ALA A 186 -1.32 15.95 -23.34
CA ALA A 186 -0.44 16.80 -24.14
C ALA A 186 0.32 17.79 -23.28
N VAL A 187 1.65 17.79 -23.41
CA VAL A 187 2.48 18.67 -22.59
C VAL A 187 3.28 19.64 -23.44
N GLY A 188 3.21 20.92 -23.08
CA GLY A 188 4.00 21.94 -23.74
C GLY A 188 3.16 23.07 -24.29
N PRO A 213 -12.70 15.88 -23.82
CA PRO A 213 -12.68 15.71 -22.37
C PRO A 213 -11.61 14.73 -21.90
N LEU A 214 -11.39 13.66 -22.68
CA LEU A 214 -10.35 12.68 -22.36
C LEU A 214 -8.99 13.24 -22.73
N TYR A 215 -9.01 14.42 -23.34
CA TYR A 215 -7.79 15.16 -23.65
C TYR A 215 -7.44 16.09 -22.51
N LEU A 216 -6.22 15.94 -21.98
CA LEU A 216 -5.79 16.74 -20.85
C LEU A 216 -4.53 17.52 -21.17
N ARG A 217 -4.52 18.80 -20.81
CA ARG A 217 -3.35 19.64 -21.02
C ARG A 217 -2.61 19.86 -19.71
N ALA A 218 -1.28 19.85 -19.77
CA ALA A 218 -0.45 20.05 -18.59
C ALA A 218 0.93 20.57 -18.97
N ASP A 219 1.63 21.15 -18.01
CA ASP A 219 2.99 21.63 -18.24
C ASP A 219 3.99 20.71 -17.56
N TRP A 220 5.26 20.88 -17.91
CA TRP A 220 6.33 20.00 -17.42
C TRP A 220 6.46 20.09 -15.91
N GLY A 221 6.23 21.27 -15.36
CA GLY A 221 6.32 21.51 -13.93
C GLY A 221 5.16 20.94 -13.15
N GLN A 222 3.96 21.11 -13.67
CA GLN A 222 2.75 20.67 -12.98
C GLN A 222 2.24 19.34 -13.56
N LEU A 223 3.17 18.42 -13.80
CA LEU A 223 2.81 17.13 -14.36
C LEU A 223 2.00 16.28 -13.38
N ALA A 224 2.48 16.21 -12.14
CA ALA A 224 1.84 15.38 -11.12
C ALA A 224 0.45 15.87 -10.75
N THR A 225 0.15 17.12 -11.08
CA THR A 225 -1.14 17.71 -10.79
C THR A 225 -2.21 17.17 -11.73
N ALA A 226 -1.78 16.63 -12.87
CA ALA A 226 -2.70 16.14 -13.89
C ALA A 226 -3.21 14.74 -13.58
N ILE A 227 -2.57 14.05 -12.64
CA ILE A 227 -2.94 12.69 -12.29
C ILE A 227 -4.32 12.62 -11.66
N LYS A 228 -4.56 13.49 -10.67
CA LYS A 228 -5.80 13.48 -9.90
C LYS A 228 -7.07 13.71 -10.73
N PRO A 229 -7.10 14.72 -11.61
CA PRO A 229 -8.32 14.88 -12.41
C PRO A 229 -8.42 13.86 -13.54
N MET A 230 -7.30 13.24 -13.91
CA MET A 230 -7.29 12.26 -14.98
C MET A 230 -7.99 10.98 -14.54
N LEU A 231 -7.65 10.49 -13.36
CA LEU A 231 -8.30 9.31 -12.81
C LEU A 231 -9.76 9.61 -12.51
N LYS A 232 -10.04 10.86 -12.21
CA LYS A 232 -11.40 11.33 -11.97
C LYS A 232 -12.22 11.30 -13.26
N GLU A 233 -11.62 11.82 -14.33
CA GLU A 233 -12.27 11.90 -15.64
C GLU A 233 -12.41 10.52 -16.28
N VAL A 234 -11.53 9.60 -15.88
CA VAL A 234 -11.57 8.24 -16.39
C VAL A 234 -12.71 7.46 -15.74
N CYS A 235 -12.89 7.65 -14.43
CA CYS A 235 -13.91 6.94 -13.66
C CYS A 235 -15.33 7.24 -14.15
N LYS A 236 -15.51 8.36 -14.85
CA LYS A 236 -16.78 8.66 -15.48
C LYS A 236 -17.04 7.70 -16.64
N THR A 237 -16.00 7.43 -17.42
CA THR A 237 -16.11 6.60 -18.60
C THR A 237 -16.21 5.12 -18.20
N LEU A 238 -15.64 4.80 -17.05
CA LEU A 238 -15.61 3.43 -16.56
C LEU A 238 -16.97 2.97 -16.06
N PRO A 239 -17.25 1.65 -16.17
CA PRO A 239 -18.49 1.09 -15.63
C PRO A 239 -18.36 0.76 -14.15
N GLN A 240 -19.46 0.36 -13.53
CA GLN A 240 -19.42 -0.08 -12.14
C GLN A 240 -19.96 -1.49 -12.02
N ASP A 241 -19.17 -2.37 -11.41
CA ASP A 241 -19.57 -3.76 -11.22
C ASP A 241 -20.76 -3.86 -10.27
N ALA A 242 -21.42 -5.01 -10.29
CA ALA A 242 -22.58 -5.24 -9.44
C ALA A 242 -22.20 -5.27 -7.97
N ILE A 243 -23.03 -4.66 -7.13
CA ILE A 243 -22.82 -4.68 -5.69
C ILE A 243 -23.34 -5.99 -5.11
N CYS A 244 -22.41 -6.81 -4.62
CA CYS A 244 -22.76 -8.09 -4.04
C CYS A 244 -22.88 -7.93 -2.52
N SER A 245 -23.77 -8.69 -1.91
CA SER A 245 -23.93 -8.65 -0.45
C SER A 245 -22.79 -9.41 0.20
N ASP A 246 -22.64 -9.24 1.52
CA ASP A 246 -21.60 -9.96 2.24
C ASP A 246 -21.93 -11.44 2.33
N TRP A 247 -20.91 -12.26 2.49
CA TRP A 247 -21.10 -13.70 2.50
C TRP A 247 -21.85 -14.18 3.74
N SER A 248 -22.64 -15.23 3.55
CA SER A 248 -23.35 -15.90 4.63
C SER A 248 -22.42 -16.82 5.41
N ALA A 249 -22.83 -17.18 6.62
CA ALA A 249 -22.05 -18.09 7.46
C ALA A 249 -21.97 -19.49 6.85
N TRP A 250 -20.85 -20.16 7.09
CA TRP A 250 -20.59 -21.47 6.51
C TRP A 250 -21.55 -22.53 7.01
N SER A 251 -21.98 -23.40 6.10
CA SER A 251 -22.87 -24.51 6.41
C SER A 251 -22.11 -25.65 7.09
N PRO A 252 -22.84 -26.51 7.82
CA PRO A 252 -22.21 -27.70 8.39
C PRO A 252 -21.87 -28.73 7.33
N CYS A 253 -21.47 -29.92 7.76
CA CYS A 253 -21.16 -31.01 6.86
C CYS A 253 -22.40 -31.89 6.64
N GLY A 260 -19.13 -34.88 3.63
CA GLY A 260 -19.90 -33.66 3.42
C GLY A 260 -19.02 -32.47 3.08
N SER A 261 -19.63 -31.44 2.48
CA SER A 261 -18.90 -30.25 2.08
C SER A 261 -19.55 -28.99 2.63
N GLN A 262 -18.83 -27.88 2.58
CA GLN A 262 -19.28 -26.63 3.19
C GLN A 262 -19.52 -25.52 2.16
N ILE A 263 -20.77 -25.07 2.05
CA ILE A 263 -21.15 -24.04 1.06
C ILE A 263 -21.59 -22.70 1.67
N ARG A 264 -20.95 -21.61 1.25
CA ARG A 264 -21.37 -20.26 1.67
C ARG A 264 -21.94 -19.49 0.49
N THR A 265 -22.99 -18.71 0.74
CA THR A 265 -23.73 -18.03 -0.33
C THR A 265 -23.90 -16.51 -0.12
N ARG A 266 -24.05 -15.79 -1.22
CA ARG A 266 -24.34 -14.35 -1.18
C ARG A 266 -25.32 -13.97 -2.29
N THR A 267 -25.82 -12.74 -2.24
CA THR A 267 -26.82 -12.27 -3.21
C THR A 267 -26.44 -10.93 -3.85
N GLU A 268 -26.77 -10.80 -5.13
CA GLU A 268 -26.56 -9.56 -5.88
C GLU A 268 -27.59 -8.49 -5.50
N VAL A 269 -27.11 -7.32 -5.08
CA VAL A 269 -27.98 -6.25 -4.63
C VAL A 269 -28.44 -5.35 -5.78
N SER A 270 -27.49 -4.72 -6.46
CA SER A 270 -27.84 -3.82 -7.57
C SER A 270 -27.15 -4.25 -8.88
N ALA A 271 -27.76 -3.88 -10.00
CA ALA A 271 -27.26 -4.27 -11.31
C ALA A 271 -25.99 -3.52 -11.67
N PRO A 272 -25.13 -4.13 -12.50
CA PRO A 272 -23.89 -3.49 -12.96
C PRO A 272 -24.18 -2.24 -13.80
N GLN A 273 -23.66 -1.09 -13.38
CA GLN A 273 -23.85 0.15 -14.13
C GLN A 273 -22.80 0.31 -15.22
N PRO A 274 -23.25 0.27 -16.49
CA PRO A 274 -22.33 0.45 -17.62
C PRO A 274 -21.85 1.89 -17.72
N GLY A 275 -20.59 2.10 -18.10
CA GLY A 275 -20.07 3.44 -18.20
C GLY A 275 -20.51 4.18 -19.45
N THR A 276 -19.91 5.33 -19.69
CA THR A 276 -20.24 6.16 -20.85
C THR A 276 -19.46 5.71 -22.08
N PRO A 277 -20.17 5.42 -23.18
CA PRO A 277 -19.55 5.01 -24.44
C PRO A 277 -18.57 6.07 -24.96
N THR A 278 -17.46 5.60 -25.53
CA THR A 278 -16.41 6.48 -26.01
C THR A 278 -16.79 7.21 -27.30
N CYS A 279 -17.19 6.44 -28.30
CA CYS A 279 -17.55 6.99 -29.61
C CYS A 279 -19.05 6.95 -29.86
N PRO A 280 -19.52 7.73 -30.85
CA PRO A 280 -20.94 7.62 -31.23
C PRO A 280 -21.25 6.28 -31.88
N ASP A 281 -22.33 5.65 -31.44
CA ASP A 281 -22.76 4.35 -31.97
C ASP A 281 -21.66 3.29 -31.86
N CYS A 282 -21.18 3.06 -30.65
CA CYS A 282 -20.19 2.01 -30.41
C CYS A 282 -20.27 1.50 -28.97
N PRO A 283 -20.00 0.19 -28.77
CA PRO A 283 -20.16 -0.49 -27.49
C PRO A 283 -19.39 0.14 -26.33
N ALA A 284 -19.96 0.08 -25.14
CA ALA A 284 -19.33 0.57 -23.93
C ALA A 284 -19.09 -0.59 -22.96
N PRO A 285 -18.00 -0.51 -22.17
CA PRO A 285 -17.80 -1.55 -21.15
C PRO A 285 -18.96 -1.52 -20.16
N MET A 286 -19.34 -2.67 -19.64
CA MET A 286 -20.54 -2.76 -18.79
C MET A 286 -20.28 -3.42 -17.44
N GLY A 287 -19.02 -3.71 -17.14
CA GLY A 287 -18.68 -4.29 -15.85
C GLY A 287 -19.15 -5.71 -15.70
N ARG A 288 -18.86 -6.31 -14.55
CA ARG A 288 -19.19 -7.70 -14.31
C ARG A 288 -20.25 -7.91 -13.23
N THR A 289 -21.16 -8.86 -13.48
CA THR A 289 -22.19 -9.21 -12.51
C THR A 289 -21.58 -9.97 -11.34
N CYS A 290 -22.39 -10.30 -10.34
CA CYS A 290 -21.90 -11.03 -9.18
C CYS A 290 -21.46 -12.46 -9.51
N VAL A 291 -22.07 -13.06 -10.53
CA VAL A 291 -21.69 -14.40 -10.95
C VAL A 291 -20.34 -14.36 -11.68
N GLU A 292 -19.97 -13.18 -12.15
CA GLU A 292 -18.70 -13.00 -12.85
C GLU A 292 -17.60 -12.56 -11.87
N GLN A 293 -18.00 -12.23 -10.65
CA GLN A 293 -17.06 -11.80 -9.62
C GLN A 293 -16.61 -12.96 -8.75
N GLY A 294 -17.15 -14.15 -9.01
CA GLY A 294 -16.82 -15.30 -8.21
C GLY A 294 -18.03 -16.19 -7.98
N GLY A 295 -19.19 -15.69 -8.41
CA GLY A 295 -20.43 -16.44 -8.26
C GLY A 295 -21.14 -16.07 -6.98
N LEU A 296 -22.42 -16.43 -6.90
CA LEU A 296 -23.22 -16.15 -5.72
C LEU A 296 -22.88 -17.15 -4.62
N GLU A 297 -22.37 -18.30 -5.03
CA GLU A 297 -22.06 -19.38 -4.11
C GLU A 297 -20.61 -19.85 -4.24
N GLU A 298 -19.99 -20.14 -3.10
CA GLU A 298 -18.65 -20.69 -3.06
C GLU A 298 -18.69 -22.02 -2.31
N ILE A 299 -17.85 -22.96 -2.72
CA ILE A 299 -17.89 -24.30 -2.16
C ILE A 299 -16.55 -24.76 -1.58
N ARG A 300 -16.61 -25.31 -0.37
CA ARG A 300 -15.43 -25.87 0.29
C ARG A 300 -15.79 -27.21 0.92
N GLU A 301 -14.78 -28.06 1.14
CA GLU A 301 -15.03 -29.38 1.71
C GLU A 301 -14.74 -29.40 3.21
N CYS A 302 -15.25 -30.43 3.88
CA CYS A 302 -15.03 -30.59 5.32
C CYS A 302 -15.07 -32.07 5.72
N ASP B 33 6.18 -2.83 0.73
CA ASP B 33 7.48 -3.20 0.20
C ASP B 33 8.03 -4.43 0.92
N SER B 34 7.97 -4.41 2.25
CA SER B 34 8.37 -5.55 3.06
C SER B 34 7.14 -6.20 3.69
N ALA B 35 7.23 -6.51 4.97
CA ALA B 35 6.09 -7.07 5.70
C ALA B 35 5.12 -5.96 6.08
N ILE B 36 5.61 -4.97 6.81
CA ILE B 36 4.81 -3.82 7.19
C ILE B 36 5.45 -2.54 6.65
N GLY B 37 6.01 -2.63 5.44
CA GLY B 37 6.78 -1.53 4.88
C GLY B 37 6.10 -0.72 3.80
N ALA B 38 5.83 0.55 4.12
CA ALA B 38 5.42 1.56 3.14
C ALA B 38 4.12 1.26 2.40
N ALA B 39 4.21 1.17 1.08
CA ALA B 39 3.05 1.22 0.20
C ALA B 39 2.11 0.01 0.30
N GLU B 40 2.67 -1.15 0.62
CA GLU B 40 1.93 -2.42 0.51
C GLU B 40 0.58 -2.40 1.23
N GLY B 41 0.51 -1.76 2.39
CA GLY B 41 -0.75 -1.67 3.11
C GLY B 41 -0.75 -0.81 4.36
N CYS B 42 0.43 -0.41 4.82
CA CYS B 42 0.50 0.40 6.04
C CYS B 42 1.79 1.21 6.13
N THR B 43 1.72 2.34 6.82
CA THR B 43 2.86 3.25 6.88
C THR B 43 4.01 2.60 7.65
N ASN B 44 5.23 2.94 7.26
CA ASN B 44 6.43 2.42 7.92
C ASN B 44 6.79 3.14 9.22
N GLN B 45 6.59 4.46 9.25
CA GLN B 45 6.94 5.24 10.43
C GLN B 45 6.02 4.93 11.61
N LEU B 46 6.59 4.31 12.64
CA LEU B 46 5.82 3.81 13.79
C LEU B 46 6.75 3.41 14.94
N ASP B 47 6.28 3.59 16.17
CA ASP B 47 7.06 3.22 17.35
C ASP B 47 6.47 1.99 18.04
N ILE B 48 7.35 1.07 18.43
CA ILE B 48 6.93 -0.19 19.04
C ILE B 48 7.52 -0.41 20.42
N CYS B 49 6.66 -0.74 21.39
CA CYS B 49 7.11 -1.16 22.71
C CYS B 49 6.89 -2.65 22.92
N PHE B 50 7.99 -3.41 22.94
CA PHE B 50 7.92 -4.84 23.20
C PHE B 50 7.82 -5.15 24.69
N LEU B 51 6.73 -5.82 25.08
CA LEU B 51 6.49 -6.16 26.48
C LEU B 51 6.56 -7.67 26.70
N ILE B 52 7.63 -8.13 27.34
CA ILE B 52 7.92 -9.55 27.47
C ILE B 52 7.78 -10.05 28.92
N ASP B 53 6.96 -11.07 29.12
CA ASP B 53 6.77 -11.66 30.44
C ASP B 53 8.00 -12.49 30.85
N SER B 54 8.49 -12.27 32.06
CA SER B 54 9.67 -12.96 32.55
C SER B 54 9.41 -13.70 33.86
N SER B 55 8.16 -14.06 34.10
CA SER B 55 7.78 -14.72 35.35
C SER B 55 8.41 -16.11 35.49
N GLY B 56 8.30 -16.68 36.69
CA GLY B 56 8.81 -18.02 36.94
C GLY B 56 7.94 -19.08 36.30
N SER B 57 6.74 -18.67 35.88
CA SER B 57 5.80 -19.57 35.23
C SER B 57 6.20 -19.78 33.78
N ILE B 58 7.13 -18.96 33.31
CA ILE B 58 7.67 -19.09 31.96
C ILE B 58 8.90 -19.98 31.97
N GLY B 59 9.64 -19.95 33.07
CA GLY B 59 10.88 -20.70 33.18
C GLY B 59 12.00 -20.05 32.39
N ILE B 60 13.24 -20.44 32.69
CA ILE B 60 14.39 -19.89 31.99
C ILE B 60 14.60 -20.66 30.69
N GLN B 61 14.06 -21.88 30.64
CA GLN B 61 14.16 -22.71 29.45
C GLN B 61 13.39 -22.11 28.29
N ASN B 62 12.12 -21.78 28.54
CA ASN B 62 11.26 -21.22 27.52
C ASN B 62 11.50 -19.73 27.24
N PHE B 63 12.05 -19.04 28.22
CA PHE B 63 12.31 -17.61 28.09
C PHE B 63 13.39 -17.31 27.06
N ARG B 64 14.31 -18.26 26.88
CA ARG B 64 15.37 -18.12 25.89
C ARG B 64 14.81 -18.20 24.49
N LEU B 65 13.74 -18.98 24.32
CA LEU B 65 13.09 -19.11 23.03
C LEU B 65 12.39 -17.80 22.67
N VAL B 66 12.01 -17.04 23.68
CA VAL B 66 11.41 -15.72 23.49
C VAL B 66 12.47 -14.77 22.94
N LYS B 67 13.68 -14.89 23.46
CA LYS B 67 14.81 -14.05 23.04
C LYS B 67 15.22 -14.33 21.61
N GLN B 68 15.19 -15.61 21.23
CA GLN B 68 15.46 -16.02 19.87
C GLN B 68 14.36 -15.55 18.92
N PHE B 69 13.15 -15.49 19.44
CA PHE B 69 11.98 -15.06 18.67
C PHE B 69 12.07 -13.58 18.27
N LEU B 70 12.38 -12.74 19.24
CA LEU B 70 12.46 -11.29 19.01
C LEU B 70 13.63 -10.94 18.12
N HIS B 71 14.69 -11.74 18.18
CA HIS B 71 15.86 -11.55 17.34
C HIS B 71 15.45 -11.57 15.87
N THR B 72 14.78 -12.64 15.47
CA THR B 72 14.31 -12.78 14.10
C THR B 72 13.16 -11.82 13.79
N PHE B 73 12.49 -11.36 14.85
CA PHE B 73 11.40 -10.40 14.70
C PHE B 73 11.96 -9.05 14.26
N LEU B 74 12.99 -8.58 14.96
CA LEU B 74 13.59 -7.29 14.65
C LEU B 74 14.28 -7.31 13.29
N MET B 75 14.69 -8.50 12.86
CA MET B 75 15.29 -8.68 11.53
C MET B 75 14.28 -8.34 10.44
N VAL B 76 13.02 -8.68 10.68
CA VAL B 76 11.96 -8.43 9.71
C VAL B 76 11.55 -6.96 9.69
N LEU B 77 11.31 -6.41 10.88
CA LEU B 77 10.86 -5.02 11.01
C LEU B 77 11.88 -4.05 10.41
N PRO B 78 11.40 -3.12 9.57
CA PRO B 78 12.27 -2.09 8.98
C PRO B 78 12.70 -1.07 10.02
N ILE B 79 13.59 -1.47 10.92
CA ILE B 79 14.02 -0.60 12.00
C ILE B 79 15.01 0.46 11.53
N GLY B 80 14.56 1.70 11.51
CA GLY B 80 15.41 2.82 11.12
C GLY B 80 15.05 4.09 11.87
N PRO B 81 15.87 5.14 11.72
CA PRO B 81 15.61 6.43 12.36
C PRO B 81 14.38 7.10 11.78
N GLU B 82 14.17 6.94 10.47
CA GLU B 82 13.01 7.52 9.80
C GLU B 82 11.98 6.46 9.47
N GLU B 83 12.17 5.25 10.00
CA GLU B 83 11.22 4.16 9.78
C GLU B 83 10.62 3.68 11.10
N VAL B 84 11.09 2.54 11.58
CA VAL B 84 10.55 1.95 12.80
C VAL B 84 11.49 2.13 14.00
N ASN B 85 10.94 2.64 15.10
CA ASN B 85 11.67 2.72 16.36
C ASN B 85 11.15 1.68 17.33
N ASN B 86 12.03 1.16 18.18
CA ASN B 86 11.64 0.08 19.08
C ASN B 86 12.04 0.29 20.54
N ALA B 87 11.24 -0.27 21.44
CA ALA B 87 11.52 -0.22 22.86
C ALA B 87 11.16 -1.58 23.49
N VAL B 88 12.02 -2.06 24.39
CA VAL B 88 11.81 -3.36 25.00
C VAL B 88 11.71 -3.26 26.52
N VAL B 89 10.67 -3.86 27.08
CA VAL B 89 10.48 -3.89 28.52
C VAL B 89 10.14 -5.30 29.01
N THR B 90 10.91 -5.78 29.99
CA THR B 90 10.62 -7.07 30.60
C THR B 90 9.96 -6.88 31.96
N TYR B 91 9.26 -7.89 32.44
CA TYR B 91 8.57 -7.81 33.72
C TYR B 91 8.33 -9.16 34.35
N SER B 92 8.32 -9.20 35.68
CA SER B 92 7.98 -10.38 36.44
C SER B 92 7.15 -9.97 37.65
N THR B 93 7.79 -9.89 38.80
CA THR B 93 7.14 -9.32 39.98
C THR B 93 7.16 -7.80 39.83
N ASP B 94 8.24 -7.29 39.26
CA ASP B 94 8.37 -5.86 38.98
C ASP B 94 8.64 -5.61 37.50
N VAL B 95 8.88 -4.34 37.15
CA VAL B 95 9.13 -3.95 35.76
C VAL B 95 10.59 -3.60 35.51
N HIS B 96 11.15 -4.14 34.42
CA HIS B 96 12.54 -3.89 34.05
C HIS B 96 12.71 -3.38 32.62
N LEU B 97 13.00 -2.09 32.50
CA LEU B 97 13.21 -1.45 31.20
C LEU B 97 14.57 -1.79 30.60
N GLN B 98 14.55 -2.19 29.32
CA GLN B 98 15.79 -2.48 28.60
C GLN B 98 16.32 -1.20 27.93
N TRP B 99 15.54 -0.66 27.00
CA TRP B 99 15.88 0.63 26.38
C TRP B 99 14.63 1.30 25.81
N ASP B 100 14.61 2.63 25.89
CA ASP B 100 13.49 3.41 25.36
C ASP B 100 13.71 3.77 23.89
N LEU B 101 12.96 4.76 23.41
CA LEU B 101 13.04 5.16 22.00
C LEU B 101 14.22 6.09 21.72
N GLN B 102 14.67 6.82 22.74
CA GLN B 102 15.78 7.75 22.57
C GLN B 102 17.14 7.03 22.63
N SER B 103 17.10 5.73 22.91
CA SER B 103 18.31 4.91 22.95
C SER B 103 18.79 4.59 21.54
N PRO B 104 20.12 4.45 21.37
CA PRO B 104 20.71 4.09 20.07
C PRO B 104 20.22 2.75 19.54
N ASN B 105 19.77 1.87 20.43
CA ASN B 105 19.24 0.57 20.03
C ASN B 105 17.93 0.68 19.27
N ALA B 106 17.17 1.73 19.54
CA ALA B 106 15.84 1.90 18.97
C ALA B 106 15.85 2.13 17.46
N VAL B 107 16.95 2.66 16.93
CA VAL B 107 17.00 2.99 15.51
C VAL B 107 17.94 2.08 14.72
N ASP B 108 18.79 1.34 15.42
CA ASP B 108 19.72 0.44 14.76
C ASP B 108 19.29 -1.01 14.94
N LYS B 109 19.19 -1.73 13.83
CA LYS B 109 18.72 -3.12 13.85
C LYS B 109 19.76 -4.04 14.47
N GLN B 110 20.99 -3.97 13.99
CA GLN B 110 22.06 -4.84 14.47
C GLN B 110 22.34 -4.61 15.96
N LEU B 111 22.14 -3.38 16.41
CA LEU B 111 22.32 -3.04 17.81
C LEU B 111 21.21 -3.66 18.65
N ALA B 112 19.97 -3.49 18.18
CA ALA B 112 18.81 -4.03 18.87
C ALA B 112 18.76 -5.55 18.82
N ALA B 113 19.11 -6.13 17.68
CA ALA B 113 19.06 -7.57 17.51
C ALA B 113 20.06 -8.29 18.38
N HIS B 114 21.23 -7.68 18.58
CA HIS B 114 22.26 -8.25 19.44
C HIS B 114 21.90 -8.09 20.91
N ALA B 115 21.16 -7.02 21.23
CA ALA B 115 20.82 -6.71 22.61
C ALA B 115 19.75 -7.66 23.15
N VAL B 116 18.84 -8.09 22.28
CA VAL B 116 17.76 -8.99 22.69
C VAL B 116 18.32 -10.37 23.02
N LEU B 117 19.42 -10.73 22.37
CA LEU B 117 20.06 -12.02 22.59
C LEU B 117 20.74 -12.05 23.96
N GLU B 118 20.94 -10.86 24.53
CA GLU B 118 21.62 -10.71 25.79
C GLU B 118 20.68 -10.26 26.90
N MET B 119 19.39 -10.55 26.75
CA MET B 119 18.41 -10.15 27.74
C MET B 119 18.32 -11.17 28.86
N PRO B 120 18.35 -10.68 30.12
CA PRO B 120 18.38 -11.52 31.32
C PRO B 120 17.03 -12.11 31.70
N TYR B 121 17.06 -13.06 32.63
CA TYR B 121 15.85 -13.68 33.14
C TYR B 121 15.72 -13.42 34.64
N LYS B 122 14.61 -12.83 35.03
CA LYS B 122 14.33 -12.56 36.44
C LYS B 122 12.97 -13.15 36.79
N LYS B 123 12.97 -14.26 37.51
CA LYS B 123 11.73 -14.96 37.85
C LYS B 123 10.88 -14.19 38.86
N GLY B 124 9.73 -14.77 39.21
CA GLY B 124 8.83 -14.16 40.16
C GLY B 124 7.39 -14.25 39.68
N SER B 125 6.55 -13.36 40.18
CA SER B 125 5.12 -13.36 39.82
C SER B 125 4.91 -12.82 38.41
N THR B 126 3.65 -12.54 38.07
CA THR B 126 3.33 -12.01 36.75
C THR B 126 2.51 -10.72 36.86
N ASN B 127 3.22 -9.60 36.90
CA ASN B 127 2.57 -8.30 37.03
C ASN B 127 2.52 -7.59 35.68
N THR B 128 1.49 -7.88 34.91
CA THR B 128 1.33 -7.34 33.56
C THR B 128 0.87 -5.89 33.59
N ALA B 129 0.08 -5.54 34.60
CA ALA B 129 -0.52 -4.21 34.70
C ALA B 129 0.51 -3.08 34.63
N ASP B 130 1.51 -3.12 35.51
CA ASP B 130 2.53 -2.08 35.55
C ASP B 130 3.46 -2.16 34.34
N GLY B 131 3.42 -3.28 33.62
CA GLY B 131 4.22 -3.44 32.42
C GLY B 131 3.75 -2.52 31.30
N LEU B 132 2.44 -2.42 31.13
CA LEU B 132 1.87 -1.53 30.13
C LEU B 132 2.02 -0.06 30.54
N LYS B 133 2.06 0.19 31.84
CA LYS B 133 2.26 1.53 32.35
C LYS B 133 3.64 2.07 31.93
N ALA B 134 4.62 1.17 31.84
CA ALA B 134 5.95 1.53 31.41
C ALA B 134 5.97 1.84 29.91
N CYS B 135 5.31 0.98 29.13
CA CYS B 135 5.20 1.19 27.69
C CYS B 135 4.44 2.47 27.35
N LYS B 136 3.41 2.76 28.15
CA LYS B 136 2.60 3.96 27.93
C LYS B 136 3.44 5.23 28.03
N GLN B 137 4.37 5.25 28.98
CA GLN B 137 5.27 6.39 29.15
C GLN B 137 6.25 6.49 27.97
N ILE B 138 6.81 5.36 27.58
CA ILE B 138 7.82 5.33 26.51
C ILE B 138 7.25 5.74 25.15
N LEU B 139 6.03 5.31 24.87
CA LEU B 139 5.42 5.57 23.57
C LEU B 139 4.94 7.01 23.41
N PHE B 140 4.17 7.49 24.38
CA PHE B 140 3.53 8.80 24.25
C PHE B 140 4.34 9.93 24.86
N THR B 141 5.25 9.60 25.78
CA THR B 141 6.03 10.64 26.45
C THR B 141 7.54 10.50 26.20
N GLY B 142 7.95 9.36 25.67
CA GLY B 142 9.37 9.08 25.47
C GLY B 142 9.75 8.90 24.01
N SER B 143 8.95 9.49 23.13
CA SER B 143 9.23 9.39 21.69
C SER B 143 10.42 10.27 21.32
N ARG B 144 11.11 9.90 20.24
CA ARG B 144 12.19 10.72 19.72
C ARG B 144 11.61 12.07 19.26
N PRO B 145 12.39 13.14 19.43
CA PRO B 145 11.93 14.54 19.28
C PRO B 145 11.14 14.80 18.00
N GLY B 146 11.52 14.13 16.92
CA GLY B 146 10.84 14.29 15.64
C GLY B 146 9.41 13.79 15.59
N ARG B 147 9.18 12.57 16.09
CA ARG B 147 7.90 11.90 15.89
C ARG B 147 7.11 11.58 17.16
N GLU B 148 6.35 12.56 17.62
CA GLU B 148 5.37 12.32 18.68
C GLU B 148 4.05 11.76 18.14
N HIS B 149 3.70 12.14 16.92
CA HIS B 149 2.38 11.83 16.36
C HIS B 149 2.28 10.50 15.62
N VAL B 150 3.40 9.81 15.45
CA VAL B 150 3.40 8.55 14.73
C VAL B 150 2.61 7.46 15.47
N PRO B 151 2.04 6.50 14.72
CA PRO B 151 1.27 5.40 15.30
C PRO B 151 2.05 4.61 16.34
N LYS B 152 1.53 4.55 17.57
CA LYS B 152 2.17 3.81 18.64
C LYS B 152 1.67 2.37 18.66
N LEU B 153 2.57 1.43 18.98
CA LEU B 153 2.22 0.02 18.94
C LEU B 153 2.84 -0.76 20.11
N VAL B 154 2.01 -1.57 20.76
CA VAL B 154 2.48 -2.45 21.83
C VAL B 154 2.42 -3.91 21.41
N ILE B 155 3.56 -4.59 21.43
CA ILE B 155 3.60 -6.02 21.15
C ILE B 155 3.92 -6.78 22.45
N GLY B 156 2.87 -7.18 23.15
CA GLY B 156 3.02 -7.86 24.42
C GLY B 156 3.16 -9.36 24.27
N MET B 157 3.69 -10.01 25.31
CA MET B 157 3.87 -11.46 25.29
C MET B 157 3.62 -12.04 26.67
N THR B 158 2.51 -12.77 26.82
CA THR B 158 2.16 -13.37 28.10
C THR B 158 2.00 -14.89 28.00
N ASP B 159 1.67 -15.51 29.13
CA ASP B 159 1.39 -16.95 29.16
C ASP B 159 -0.10 -17.19 29.33
N GLY B 160 -0.76 -16.33 30.12
CA GLY B 160 -2.18 -16.44 30.35
C GLY B 160 -2.57 -16.25 31.81
N GLU B 161 -1.65 -15.69 32.60
CA GLU B 161 -1.90 -15.47 34.02
C GLU B 161 -1.44 -14.09 34.47
N SER B 162 -1.97 -13.62 35.60
CA SER B 162 -1.60 -12.33 36.16
C SER B 162 -2.06 -12.22 37.62
N ASP B 163 -1.46 -11.29 38.35
CA ASP B 163 -1.83 -11.05 39.74
C ASP B 163 -3.27 -10.56 39.82
N SER B 164 -3.62 -9.63 38.94
CA SER B 164 -4.98 -9.11 38.86
C SER B 164 -5.34 -8.84 37.40
N ASP B 165 -6.19 -9.68 36.83
CA ASP B 165 -6.58 -9.56 35.43
C ASP B 165 -7.39 -8.29 35.16
N PHE B 166 -7.98 -7.73 36.22
CA PHE B 166 -8.75 -6.50 36.09
C PHE B 166 -7.84 -5.31 35.83
N ARG B 167 -6.69 -5.30 36.49
CA ARG B 167 -5.71 -4.23 36.29
C ARG B 167 -4.95 -4.41 35.00
N THR B 168 -4.95 -5.63 34.47
CA THR B 168 -4.30 -5.92 33.20
C THR B 168 -5.08 -5.31 32.04
N VAL B 169 -6.39 -5.39 32.12
CA VAL B 169 -7.26 -4.84 31.08
C VAL B 169 -7.32 -3.31 31.21
N ARG B 170 -7.32 -2.82 32.44
CA ARG B 170 -7.34 -1.39 32.70
C ARG B 170 -6.09 -0.72 32.15
N ALA B 171 -4.96 -1.40 32.31
CA ALA B 171 -3.69 -0.89 31.79
C ALA B 171 -3.65 -0.96 30.26
N ALA B 172 -4.52 -1.80 29.70
CA ALA B 172 -4.60 -1.95 28.25
C ALA B 172 -5.66 -1.03 27.66
N LYS B 173 -6.77 -0.86 28.38
CA LYS B 173 -7.85 0.00 27.94
C LYS B 173 -7.38 1.45 27.93
N GLU B 174 -6.63 1.82 28.97
CA GLU B 174 -6.18 3.20 29.14
C GLU B 174 -5.21 3.60 28.03
N ILE B 175 -4.47 2.64 27.51
CA ILE B 175 -3.54 2.89 26.42
C ILE B 175 -4.23 3.04 25.08
N ARG B 176 -5.18 2.15 24.79
CA ARG B 176 -5.86 2.12 23.50
C ARG B 176 -6.65 3.39 23.20
N GLU B 177 -7.25 3.99 24.22
CA GLU B 177 -8.00 5.23 24.03
C GLU B 177 -7.11 6.45 24.05
N LEU B 178 -5.82 6.24 23.78
CA LEU B 178 -4.87 7.33 23.62
C LEU B 178 -4.35 7.35 22.18
N GLY B 179 -4.96 6.52 21.33
CA GLY B 179 -4.53 6.40 19.95
C GLY B 179 -3.46 5.34 19.79
N GLY B 180 -3.32 4.50 20.81
CA GLY B 180 -2.34 3.43 20.79
C GLY B 180 -2.90 2.11 20.32
N ILE B 181 -2.02 1.21 19.87
CA ILE B 181 -2.44 -0.09 19.39
C ILE B 181 -1.75 -1.18 20.21
N VAL B 182 -2.51 -2.20 20.61
CA VAL B 182 -1.99 -3.26 21.47
C VAL B 182 -2.10 -4.64 20.82
N THR B 183 -0.97 -5.32 20.70
CA THR B 183 -0.96 -6.68 20.16
C THR B 183 -0.47 -7.65 21.22
N VAL B 184 -1.17 -8.79 21.34
CA VAL B 184 -0.83 -9.78 22.35
C VAL B 184 -0.60 -11.14 21.69
N LEU B 185 0.42 -11.85 22.16
CA LEU B 185 0.72 -13.20 21.67
C LEU B 185 0.75 -14.18 22.83
N ALA B 186 -0.24 -15.07 22.88
CA ALA B 186 -0.34 -16.03 23.96
C ALA B 186 0.47 -17.29 23.67
N VAL B 187 1.37 -17.62 24.59
CA VAL B 187 2.28 -18.74 24.42
C VAL B 187 2.15 -19.78 25.52
N GLY B 188 2.04 -21.05 25.14
CA GLY B 188 2.03 -22.12 26.11
C GLY B 188 0.83 -23.04 26.03
N HIS B 189 0.03 -23.04 27.09
CA HIS B 189 -1.14 -23.90 27.17
C HIS B 189 -2.40 -23.20 26.67
N CYS B 212 -10.83 -12.03 19.65
CA CYS B 212 -10.10 -10.82 19.28
C CYS B 212 -9.14 -11.09 18.14
N PRO B 213 -9.20 -10.26 17.08
CA PRO B 213 -8.34 -10.43 15.90
C PRO B 213 -6.86 -10.14 16.19
N LEU B 214 -6.60 -9.15 17.03
CA LEU B 214 -5.23 -8.79 17.40
C LEU B 214 -4.65 -9.75 18.44
N TYR B 215 -5.47 -10.65 18.95
CA TYR B 215 -5.01 -11.66 19.91
C TYR B 215 -4.58 -12.92 19.15
N LEU B 216 -3.34 -13.33 19.35
CA LEU B 216 -2.79 -14.48 18.62
C LEU B 216 -2.29 -15.58 19.54
N ARG B 217 -2.63 -16.82 19.20
CA ARG B 217 -2.18 -17.99 19.94
C ARG B 217 -1.03 -18.72 19.24
N ALA B 218 -0.07 -19.18 20.02
CA ALA B 218 1.08 -19.91 19.51
C ALA B 218 1.69 -20.79 20.59
N ASP B 219 2.46 -21.78 20.17
CA ASP B 219 3.15 -22.65 21.12
C ASP B 219 4.65 -22.35 21.10
N TRP B 220 5.38 -22.87 22.07
CA TRP B 220 6.81 -22.59 22.21
C TRP B 220 7.64 -23.07 21.01
N GLY B 221 7.22 -24.17 20.39
CA GLY B 221 7.96 -24.71 19.27
C GLY B 221 7.77 -23.90 18.00
N GLN B 222 6.53 -23.50 17.73
CA GLN B 222 6.22 -22.73 16.53
C GLN B 222 6.01 -21.24 16.83
N LEU B 223 6.89 -20.68 17.66
CA LEU B 223 6.78 -19.28 18.03
C LEU B 223 7.03 -18.33 16.86
N ALA B 224 8.10 -18.60 16.11
CA ALA B 224 8.51 -17.72 15.00
C ALA B 224 7.50 -17.72 13.87
N THR B 225 6.62 -18.71 13.84
CA THR B 225 5.61 -18.82 12.81
C THR B 225 4.50 -17.78 13.01
N ALA B 226 4.42 -17.24 14.22
CA ALA B 226 3.36 -16.29 14.58
C ALA B 226 3.63 -14.89 14.07
N ILE B 227 4.85 -14.63 13.62
CA ILE B 227 5.25 -13.30 13.15
C ILE B 227 4.47 -12.88 11.92
N LYS B 228 4.37 -13.78 10.95
CA LYS B 228 3.71 -13.49 9.68
C LYS B 228 2.23 -13.09 9.83
N PRO B 229 1.44 -13.86 10.60
CA PRO B 229 0.04 -13.40 10.74
C PRO B 229 -0.11 -12.21 11.69
N MET B 230 0.88 -11.97 12.53
CA MET B 230 0.82 -10.84 13.46
C MET B 230 1.02 -9.52 12.71
N LEU B 231 2.03 -9.49 11.85
CA LEU B 231 2.29 -8.32 11.01
C LEU B 231 1.16 -8.15 10.01
N LYS B 232 0.50 -9.28 9.69
CA LYS B 232 -0.66 -9.28 8.81
C LYS B 232 -1.84 -8.55 9.44
N GLU B 233 -2.14 -8.87 10.70
CA GLU B 233 -3.25 -8.24 11.40
C GLU B 233 -2.93 -6.80 11.80
N VAL B 234 -1.64 -6.50 11.95
CA VAL B 234 -1.20 -5.16 12.33
C VAL B 234 -1.25 -4.20 11.14
N CYS B 235 -0.76 -4.66 9.99
CA CYS B 235 -0.70 -3.82 8.81
C CYS B 235 -2.10 -3.44 8.33
N LYS B 236 -3.09 -4.25 8.69
CA LYS B 236 -4.48 -3.96 8.41
C LYS B 236 -4.95 -2.80 9.28
N THR B 237 -4.54 -2.81 10.54
CA THR B 237 -4.98 -1.82 11.52
C THR B 237 -4.26 -0.48 11.34
N LEU B 238 -3.04 -0.52 10.84
CA LEU B 238 -2.25 0.69 10.64
C LEU B 238 -2.73 1.51 9.45
N PRO B 239 -2.53 2.83 9.50
CA PRO B 239 -2.88 3.73 8.39
C PRO B 239 -1.79 3.76 7.31
N GLN B 240 -2.01 4.56 6.28
CA GLN B 240 -1.02 4.73 5.22
C GLN B 240 -0.75 6.21 4.97
N ASP B 241 0.52 6.56 4.80
CA ASP B 241 0.91 7.94 4.56
C ASP B 241 0.42 8.43 3.19
N ALA B 242 0.33 9.75 3.04
CA ALA B 242 -0.08 10.36 1.78
C ALA B 242 0.96 10.11 0.71
N ILE B 243 0.51 9.64 -0.46
CA ILE B 243 1.42 9.43 -1.57
C ILE B 243 1.86 10.78 -2.12
N CYS B 244 3.12 11.13 -1.89
CA CYS B 244 3.65 12.40 -2.36
C CYS B 244 4.37 12.28 -3.70
N SER B 245 4.28 13.33 -4.51
CA SER B 245 4.95 13.37 -5.79
C SER B 245 6.44 13.66 -5.66
N ASP B 246 7.17 13.43 -6.75
CA ASP B 246 8.60 13.72 -6.79
C ASP B 246 8.87 15.22 -6.84
N TRP B 247 10.07 15.61 -6.40
CA TRP B 247 10.45 17.02 -6.33
C TRP B 247 10.63 17.65 -7.71
N SER B 248 10.34 18.94 -7.81
CA SER B 248 10.56 19.70 -9.04
C SER B 248 12.03 20.09 -9.16
N ALA B 249 12.45 20.45 -10.37
CA ALA B 249 13.83 20.90 -10.59
C ALA B 249 14.10 22.20 -9.83
N TRP B 250 15.34 22.36 -9.36
CA TRP B 250 15.72 23.54 -8.57
C TRP B 250 15.56 24.81 -9.39
N SER B 251 15.13 25.88 -8.73
CA SER B 251 14.90 27.17 -9.37
C SER B 251 16.22 27.87 -9.75
N PRO B 252 16.17 28.73 -10.77
CA PRO B 252 17.32 29.53 -11.21
C PRO B 252 17.79 30.60 -10.23
N CYS B 253 17.44 30.43 -8.95
CA CYS B 253 17.89 31.33 -7.90
C CYS B 253 17.53 32.80 -8.18
N SER B 261 18.71 30.87 -3.89
CA SER B 261 17.29 30.69 -3.60
C SER B 261 16.66 29.68 -4.55
N GLN B 262 16.63 28.43 -4.15
CA GLN B 262 16.18 27.35 -5.02
C GLN B 262 14.90 26.74 -4.49
N ILE B 263 13.87 26.71 -5.35
CA ILE B 263 12.57 26.24 -4.94
C ILE B 263 12.26 24.84 -5.50
N ARG B 264 11.92 23.94 -4.59
CA ARG B 264 11.52 22.59 -4.96
C ARG B 264 10.03 22.42 -4.66
N THR B 265 9.29 21.82 -5.58
CA THR B 265 7.85 21.66 -5.37
C THR B 265 7.41 20.24 -5.64
N ARG B 266 6.40 19.80 -4.89
CA ARG B 266 5.76 18.52 -5.11
C ARG B 266 4.29 18.66 -4.74
N THR B 267 3.49 17.67 -5.10
CA THR B 267 2.06 17.74 -4.82
C THR B 267 1.54 16.50 -4.12
N GLU B 268 0.61 16.69 -3.19
CA GLU B 268 -0.03 15.56 -2.53
C GLU B 268 -1.02 14.94 -3.50
N VAL B 269 -0.83 13.65 -3.79
CA VAL B 269 -1.68 12.98 -4.75
C VAL B 269 -2.91 12.37 -4.09
N SER B 270 -2.67 11.48 -3.13
CA SER B 270 -3.75 10.82 -2.41
C SER B 270 -3.64 11.07 -0.90
N ALA B 271 -4.78 11.36 -0.29
CA ALA B 271 -4.83 11.64 1.15
C ALA B 271 -4.48 10.39 1.96
N PRO B 272 -3.93 10.59 3.16
CA PRO B 272 -3.60 9.46 4.04
C PRO B 272 -4.85 8.69 4.47
N GLN B 273 -4.88 7.40 4.16
CA GLN B 273 -5.98 6.54 4.55
C GLN B 273 -5.77 6.01 5.95
N PRO B 274 -6.62 6.44 6.90
CA PRO B 274 -6.48 6.02 8.30
C PRO B 274 -6.83 4.55 8.52
N GLY B 275 -6.12 3.91 9.44
CA GLY B 275 -6.34 2.52 9.76
C GLY B 275 -7.56 2.36 10.64
N THR B 276 -7.75 1.15 11.18
CA THR B 276 -8.91 0.88 12.02
C THR B 276 -8.68 1.32 13.45
N PRO B 277 -9.55 2.19 13.96
CA PRO B 277 -9.51 2.66 15.36
C PRO B 277 -9.66 1.49 16.34
N THR B 278 -8.94 1.53 17.45
CA THR B 278 -8.94 0.42 18.40
C THR B 278 -10.25 0.33 19.16
N CYS B 279 -10.60 1.41 19.85
CA CYS B 279 -11.83 1.45 20.64
C CYS B 279 -12.89 2.39 20.07
N PRO B 280 -14.15 2.22 20.49
CA PRO B 280 -15.20 3.18 20.11
C PRO B 280 -14.98 4.55 20.76
N ASP B 281 -15.10 5.61 19.97
CA ASP B 281 -14.92 6.98 20.47
C ASP B 281 -13.57 7.19 21.15
N CYS B 282 -12.49 6.91 20.41
CA CYS B 282 -11.14 7.13 20.91
C CYS B 282 -10.24 7.37 19.71
N PRO B 283 -9.20 8.21 19.88
CA PRO B 283 -8.38 8.65 18.74
C PRO B 283 -7.78 7.51 17.94
N ALA B 284 -7.68 7.71 16.63
CA ALA B 284 -7.03 6.73 15.76
C ALA B 284 -5.81 7.35 15.11
N PRO B 285 -4.74 6.57 14.95
CA PRO B 285 -3.56 7.04 14.22
C PRO B 285 -3.87 7.31 12.75
N MET B 286 -3.22 8.31 12.17
CA MET B 286 -3.46 8.65 10.78
C MET B 286 -2.11 8.73 10.05
N GLY B 287 -2.14 8.64 8.73
CA GLY B 287 -0.92 8.79 7.95
C GLY B 287 -0.44 10.22 8.06
N ARG B 288 0.66 10.53 7.42
CA ARG B 288 1.22 11.86 7.55
C ARG B 288 1.05 12.61 6.24
N THR B 289 0.69 13.88 6.35
CA THR B 289 0.48 14.72 5.19
C THR B 289 1.82 15.03 4.54
N CYS B 290 1.79 15.35 3.25
CA CYS B 290 3.00 15.67 2.51
C CYS B 290 3.70 16.86 3.15
N VAL B 291 2.93 17.75 3.76
CA VAL B 291 3.49 18.88 4.49
C VAL B 291 4.11 18.45 5.81
N GLU B 292 3.68 17.29 6.29
CA GLU B 292 4.22 16.74 7.54
C GLU B 292 5.37 15.78 7.26
N GLN B 293 5.55 15.44 5.98
CA GLN B 293 6.61 14.53 5.57
C GLN B 293 7.87 15.28 5.12
N GLY B 294 7.80 16.61 5.17
CA GLY B 294 8.91 17.45 4.75
C GLY B 294 8.47 18.73 4.05
N GLY B 295 7.18 18.83 3.76
CA GLY B 295 6.63 20.03 3.14
C GLY B 295 6.62 19.99 1.62
N LEU B 296 5.80 20.84 1.02
CA LEU B 296 5.72 20.93 -0.43
C LEU B 296 6.85 21.77 -1.02
N GLU B 297 7.37 22.70 -0.22
CA GLU B 297 8.41 23.60 -0.71
C GLU B 297 9.67 23.54 0.16
N GLU B 298 10.83 23.46 -0.49
CA GLU B 298 12.10 23.49 0.22
C GLU B 298 13.08 24.52 -0.35
N ILE B 299 13.88 25.12 0.52
CA ILE B 299 14.85 26.13 0.11
C ILE B 299 16.24 25.80 0.63
N ARG B 300 17.19 25.65 -0.27
CA ARG B 300 18.58 25.38 0.10
C ARG B 300 19.53 26.08 -0.86
N GLU B 301 20.84 25.91 -0.64
CA GLU B 301 21.86 26.57 -1.45
C GLU B 301 21.76 26.22 -2.93
N CYS B 302 22.12 27.19 -3.77
CA CYS B 302 22.07 27.01 -5.22
C CYS B 302 23.05 25.93 -5.68
C1 MAN C . -17.15 -12.41 1.75
C2 MAN C . -17.14 -10.91 1.41
C3 MAN C . -15.93 -10.19 2.04
C4 MAN C . -14.60 -10.99 1.91
C5 MAN C . -14.78 -12.48 2.24
C6 MAN C . -14.93 -12.80 3.73
O2 MAN C . -18.29 -10.25 1.95
O3 MAN C . -16.19 -9.83 3.39
O4 MAN C . -14.08 -10.85 0.60
O5 MAN C . -15.92 -13.04 1.53
O6 MAN C . -13.77 -13.51 4.15
C1 MAN D . 13.07 14.82 -4.04
C2 MAN D . 12.20 13.58 -3.86
C3 MAN D . 13.03 12.30 -4.03
C4 MAN D . 14.37 12.33 -3.25
C5 MAN D . 15.12 13.68 -3.44
C6 MAN D . 15.79 13.81 -4.80
O2 MAN D . 11.19 13.51 -4.86
O3 MAN D . 13.25 11.99 -5.41
O4 MAN D . 14.13 12.10 -1.87
O5 MAN D . 14.23 14.80 -3.25
O6 MAN D . 16.88 14.73 -4.67
#